data_7K32
#
_entry.id   7K32
#
_cell.length_a   154.020
_cell.length_b   154.020
_cell.length_c   118.510
_cell.angle_alpha   90.000
_cell.angle_beta   90.000
_cell.angle_gamma   120.000
#
_symmetry.space_group_name_H-M   'H 3'
#
loop_
_entity.id
_entity.type
_entity.pdbx_description
1 polymer 'Endonuclease Q'
2 polymer 'DNA (27-MER)'
3 polymer 'DNA (27-MER)'
4 non-polymer 'ZINC ION'
5 non-polymer 'MAGNESIUM ION'
#
loop_
_entity_poly.entity_id
_entity_poly.type
_entity_poly.pdbx_seq_one_letter_code
_entity_poly.pdbx_strand_id
1 'polypeptide(L)'
;MIVDGDLHIHSHYSKAVSKLMTFPIIAENAKLKGLNLVGTGDSLNPHWEKELLKHSKPIDDGTFEVNGVKFILTCEVEDK
RRVHHLLIFPTLSQVREFREKVKIYSTNIESEGRPNLNLTAEEIAEMANELDILIGPAHAFTPWTSLYKEYDSLKDAYGD
AKIDFLELGLSADSDMADMIKAHHSIPYLSNSNAHSPNPHRLGREFNRFEVKDVTFEEIRKAIKGVGGRKIMLNAGLDPR
LGKYHLTACSRCYTKYTLQDAVSLSWKCPKCGGIIKKGVRDRILELADTSEKPKDRPPYVRLAPLAEIIAMVLGKGIESK
AVKLLWNRFLREFGSEIRVLIDLPIESIASVHEGVAKAIWAYRNNKLIIVPGGGGKYGEIRIPEEILKAKIEDLNSIEIS
;
A
2 'polydeoxyribonucleotide'
;(DG)(DT)(DC)(DG)(DT)(DT)(DC)(DG)(DC)(DT)(DA)(DC)(DA)(DG)(DG)(BRU)(DC)(DG)(DT)
(DC)(DG)(DG)(DT)(DC)(DT)(DG)(DC)
;
B
3 'polydeoxyribonucleotide'
;(DG)(DC)(DA)(DG)(DA)(DC)(DC)(DG)(DA)(DC)(DG)(DA)(DC)(3DR)(DT)(DG)(DT)(DA)(DG)
(DC)(DG)(DA)(DA)(DC)(DG)(DA)(DC)
;
C
#
# COMPACT_ATOMS: atom_id res chain seq x y z
N MET A 1 -20.97 10.00 1.89
CA MET A 1 -20.69 8.66 2.38
C MET A 1 -19.18 8.41 2.53
N ILE A 2 -18.82 7.66 3.57
CA ILE A 2 -17.43 7.38 3.90
C ILE A 2 -17.09 5.98 3.40
N VAL A 3 -15.99 5.87 2.64
CA VAL A 3 -15.62 4.62 1.99
C VAL A 3 -14.12 4.38 2.13
N ASP A 4 -13.75 3.13 2.36
CA ASP A 4 -12.36 2.69 2.40
C ASP A 4 -11.96 2.13 1.04
N GLY A 5 -10.70 2.37 0.66
CA GLY A 5 -10.24 1.94 -0.64
C GLY A 5 -8.75 1.65 -0.74
N ASP A 6 -8.39 0.56 -1.41
CA ASP A 6 -7.01 0.20 -1.71
C ASP A 6 -6.87 0.19 -3.23
N LEU A 7 -5.98 1.03 -3.75
CA LEU A 7 -5.89 1.30 -5.18
C LEU A 7 -4.58 0.79 -5.78
N HIS A 8 -4.13 -0.40 -5.35
CA HIS A 8 -2.88 -0.94 -5.87
C HIS A 8 -2.84 -2.44 -5.60
N ILE A 9 -3.20 -3.23 -6.62
CA ILE A 9 -3.04 -4.69 -6.61
C ILE A 9 -2.56 -5.12 -7.98
N HIS A 10 -2.22 -6.41 -8.09
CA HIS A 10 -1.78 -6.99 -9.35
C HIS A 10 -2.51 -8.30 -9.59
N SER A 11 -2.90 -8.52 -10.84
CA SER A 11 -3.64 -9.72 -11.21
C SER A 11 -2.71 -10.93 -11.26
N HIS A 12 -3.27 -12.09 -11.61
CA HIS A 12 -2.47 -13.28 -11.79
C HIS A 12 -1.61 -13.24 -13.05
N TYR A 13 -1.82 -12.24 -13.91
CA TYR A 13 -0.98 -12.08 -15.09
C TYR A 13 0.39 -11.52 -14.76
N SER A 14 0.53 -10.79 -13.66
CA SER A 14 1.83 -10.31 -13.24
C SER A 14 2.66 -11.45 -12.67
N LYS A 15 3.91 -11.15 -12.32
CA LYS A 15 4.84 -12.13 -11.80
C LYS A 15 4.97 -12.01 -10.29
N ALA A 16 5.42 -13.11 -9.67
CA ALA A 16 5.58 -13.19 -8.21
C ALA A 16 4.26 -12.97 -7.48
N VAL A 17 3.14 -13.29 -8.12
CA VAL A 17 1.83 -13.14 -7.52
C VAL A 17 1.20 -14.51 -7.32
N SER A 18 -0.05 -14.54 -6.88
CA SER A 18 -0.79 -15.77 -6.69
C SER A 18 -1.81 -15.93 -7.81
N LYS A 19 -2.02 -17.17 -8.24
CA LYS A 19 -3.04 -17.46 -9.23
C LYS A 19 -4.44 -17.22 -8.70
N LEU A 20 -4.61 -17.09 -7.39
CA LEU A 20 -5.91 -16.81 -6.77
C LEU A 20 -6.29 -15.34 -6.84
N MET A 21 -5.49 -14.51 -7.53
CA MET A 21 -5.73 -13.07 -7.56
C MET A 21 -6.59 -12.72 -8.78
N THR A 22 -7.84 -13.17 -8.72
CA THR A 22 -8.84 -12.91 -9.75
C THR A 22 -9.96 -12.04 -9.18
N PHE A 23 -10.83 -11.58 -10.07
CA PHE A 23 -11.91 -10.69 -9.65
C PHE A 23 -12.83 -11.29 -8.58
N PRO A 24 -13.37 -12.51 -8.74
CA PRO A 24 -14.25 -13.03 -7.68
C PRO A 24 -13.56 -13.18 -6.33
N ILE A 25 -12.35 -13.73 -6.31
CA ILE A 25 -11.66 -13.94 -5.03
C ILE A 25 -11.31 -12.61 -4.38
N ILE A 26 -10.82 -11.66 -5.17
CA ILE A 26 -10.50 -10.33 -4.64
C ILE A 26 -11.74 -9.67 -4.08
N ALA A 27 -12.87 -9.75 -4.80
CA ALA A 27 -14.10 -9.15 -4.33
C ALA A 27 -14.58 -9.80 -3.04
N GLU A 28 -14.51 -11.13 -2.96
CA GLU A 28 -14.94 -11.83 -1.74
C GLU A 28 -14.08 -11.44 -0.55
N ASN A 29 -12.75 -11.42 -0.74
CA ASN A 29 -11.85 -11.06 0.35
C ASN A 29 -12.05 -9.62 0.78
N ALA A 30 -12.28 -8.71 -0.17
CA ALA A 30 -12.51 -7.31 0.19
C ALA A 30 -13.83 -7.14 0.93
N LYS A 31 -14.88 -7.85 0.51
CA LYS A 31 -16.17 -7.75 1.18
C LYS A 31 -16.12 -8.33 2.58
N LEU A 32 -15.38 -9.43 2.76
CA LEU A 32 -15.29 -10.05 4.07
C LEU A 32 -14.28 -9.35 4.98
N LYS A 33 -13.38 -8.55 4.42
CA LYS A 33 -12.39 -7.84 5.22
C LYS A 33 -12.90 -6.49 5.70
N GLY A 34 -13.80 -5.86 4.95
CA GLY A 34 -14.30 -4.54 5.31
C GLY A 34 -13.74 -3.46 4.42
N LEU A 35 -13.78 -3.69 3.11
CA LEU A 35 -13.23 -2.76 2.13
C LEU A 35 -14.30 -2.47 1.09
N ASN A 36 -14.51 -1.17 0.81
CA ASN A 36 -15.58 -0.74 -0.08
C ASN A 36 -15.12 -0.63 -1.53
N LEU A 37 -13.99 0.03 -1.76
CA LEU A 37 -13.48 0.27 -3.10
C LEU A 37 -12.13 -0.43 -3.26
N VAL A 38 -11.89 -0.99 -4.44
CA VAL A 38 -10.64 -1.67 -4.75
C VAL A 38 -10.20 -1.27 -6.15
N GLY A 39 -8.93 -0.92 -6.31
CA GLY A 39 -8.40 -0.66 -7.63
C GLY A 39 -8.26 -1.95 -8.42
N THR A 40 -8.54 -1.86 -9.73
CA THR A 40 -8.47 -3.04 -10.57
C THR A 40 -7.05 -3.57 -10.69
N GLY A 41 -6.10 -2.70 -11.04
CA GLY A 41 -4.72 -3.12 -11.18
C GLY A 41 -4.45 -3.83 -12.49
N ASP A 42 -3.28 -3.57 -13.09
CA ASP A 42 -2.87 -4.20 -14.35
C ASP A 42 -3.90 -3.96 -15.45
N SER A 43 -4.47 -2.76 -15.49
CA SER A 43 -5.52 -2.44 -16.44
C SER A 43 -5.02 -2.33 -17.87
N LEU A 44 -3.71 -2.36 -18.10
CA LEU A 44 -3.18 -2.31 -19.45
C LEU A 44 -3.14 -3.68 -20.12
N ASN A 45 -3.37 -4.76 -19.38
CA ASN A 45 -3.41 -6.09 -19.97
C ASN A 45 -4.80 -6.35 -20.54
N PRO A 46 -4.94 -6.67 -21.82
CA PRO A 46 -6.28 -6.84 -22.39
C PRO A 46 -7.03 -8.05 -21.85
N HIS A 47 -6.33 -9.13 -21.49
CA HIS A 47 -7.00 -10.29 -20.92
C HIS A 47 -7.65 -9.94 -19.58
N TRP A 48 -6.99 -9.11 -18.78
CA TRP A 48 -7.56 -8.68 -17.52
C TRP A 48 -8.80 -7.82 -17.74
N GLU A 49 -8.79 -6.99 -18.79
CA GLU A 49 -9.97 -6.21 -19.13
C GLU A 49 -11.12 -7.12 -19.57
N LYS A 50 -10.81 -8.16 -20.35
CA LYS A 50 -11.84 -9.12 -20.72
C LYS A 50 -12.43 -9.81 -19.51
N GLU A 51 -11.57 -10.24 -18.57
CA GLU A 51 -12.07 -10.87 -17.35
C GLU A 51 -12.89 -9.90 -16.50
N LEU A 52 -12.52 -8.61 -16.50
CA LEU A 52 -13.32 -7.62 -15.79
C LEU A 52 -14.70 -7.48 -16.42
N LEU A 53 -14.75 -7.36 -17.75
CA LEU A 53 -16.03 -7.24 -18.43
C LEU A 53 -16.88 -8.50 -18.26
N LYS A 54 -16.25 -9.66 -18.11
CA LYS A 54 -17.00 -10.89 -17.96
C LYS A 54 -17.53 -11.08 -16.55
N HIS A 55 -16.68 -10.87 -15.54
CA HIS A 55 -17.02 -11.17 -14.15
C HIS A 55 -17.63 -9.98 -13.42
N SER A 56 -18.15 -8.99 -14.13
CA SER A 56 -18.69 -7.81 -13.46
C SER A 56 -19.72 -7.15 -14.36
N LYS A 57 -20.50 -6.25 -13.75
CA LYS A 57 -21.46 -5.39 -14.42
C LYS A 57 -21.12 -3.93 -14.14
N PRO A 58 -21.15 -3.07 -15.15
CA PRO A 58 -20.63 -1.71 -14.98
C PRO A 58 -21.61 -0.80 -14.27
N ILE A 59 -21.05 0.24 -13.65
CA ILE A 59 -21.84 1.30 -13.01
C ILE A 59 -22.04 2.43 -14.01
N ASP A 60 -20.92 3.05 -14.43
CA ASP A 60 -20.96 4.09 -15.45
C ASP A 60 -20.04 3.65 -16.59
N ASP A 61 -19.05 4.46 -16.96
CA ASP A 61 -18.08 4.09 -17.98
C ASP A 61 -16.66 3.97 -17.44
N GLY A 62 -16.44 4.27 -16.16
CA GLY A 62 -15.11 4.19 -15.58
C GLY A 62 -15.10 3.59 -14.19
N THR A 63 -16.28 3.20 -13.70
CA THR A 63 -16.43 2.55 -12.41
C THR A 63 -17.25 1.29 -12.59
N PHE A 64 -16.76 0.17 -12.08
CA PHE A 64 -17.45 -1.11 -12.19
C PHE A 64 -17.77 -1.64 -10.80
N GLU A 65 -18.48 -2.76 -10.76
CA GLU A 65 -18.84 -3.37 -9.48
C GLU A 65 -18.97 -4.88 -9.64
N VAL A 66 -18.53 -5.60 -8.61
CA VAL A 66 -18.65 -7.06 -8.57
C VAL A 66 -18.82 -7.49 -7.12
N ASN A 67 -19.83 -8.31 -6.86
CA ASN A 67 -20.11 -8.84 -5.52
C ASN A 67 -20.24 -7.73 -4.49
N GLY A 68 -20.89 -6.63 -4.89
CA GLY A 68 -21.08 -5.51 -4.01
C GLY A 68 -19.82 -4.74 -3.68
N VAL A 69 -18.80 -4.83 -4.52
CA VAL A 69 -17.54 -4.11 -4.34
C VAL A 69 -17.27 -3.30 -5.59
N LYS A 70 -17.04 -2.00 -5.42
CA LYS A 70 -16.74 -1.13 -6.54
C LYS A 70 -15.28 -1.24 -6.95
N PHE A 71 -15.01 -0.85 -8.19
CA PHE A 71 -13.70 -1.00 -8.79
C PHE A 71 -13.42 0.16 -9.74
N ILE A 72 -12.22 0.73 -9.63
N ILE A 72 -12.20 0.70 -9.64
CA ILE A 72 -11.77 1.79 -10.53
CA ILE A 72 -11.74 1.80 -10.48
C ILE A 72 -10.51 1.33 -11.23
C ILE A 72 -10.48 1.36 -11.21
N LEU A 73 -10.32 1.81 -12.46
CA LEU A 73 -9.23 1.37 -13.31
C LEU A 73 -7.89 1.93 -12.81
N THR A 74 -7.01 1.04 -12.36
CA THR A 74 -5.67 1.39 -11.91
C THR A 74 -4.66 0.44 -12.57
N CYS A 75 -3.39 0.84 -12.54
CA CYS A 75 -2.34 0.01 -13.13
C CYS A 75 -0.96 0.52 -12.70
N GLU A 76 -0.04 -0.41 -12.43
CA GLU A 76 1.36 -0.09 -12.20
C GLU A 76 2.16 -0.40 -13.46
N VAL A 77 3.02 0.55 -13.86
CA VAL A 77 3.87 0.42 -15.03
C VAL A 77 5.32 0.66 -14.61
N GLU A 78 6.25 0.11 -15.39
CA GLU A 78 7.67 0.24 -15.12
C GLU A 78 8.32 1.20 -16.11
N ASP A 79 9.32 1.93 -15.64
CA ASP A 79 9.97 2.98 -16.40
C ASP A 79 11.21 2.43 -17.12
N LYS A 80 11.70 3.21 -18.08
CA LYS A 80 12.97 2.87 -18.73
C LYS A 80 14.11 2.88 -17.72
N ARG A 81 14.06 3.80 -16.76
CA ARG A 81 14.99 3.83 -15.64
C ARG A 81 14.61 2.83 -14.55
N ARG A 82 13.60 1.99 -14.81
CA ARG A 82 13.10 1.01 -13.85
C ARG A 82 12.54 1.68 -12.60
N VAL A 83 11.45 2.43 -12.81
CA VAL A 83 10.76 3.14 -11.74
C VAL A 83 9.28 2.80 -11.81
N HIS A 84 8.73 2.24 -10.74
CA HIS A 84 7.32 1.89 -10.71
C HIS A 84 6.46 3.16 -10.66
N HIS A 85 5.35 3.15 -11.41
CA HIS A 85 4.44 4.29 -11.47
C HIS A 85 3.01 3.78 -11.41
N LEU A 86 2.19 4.41 -10.58
CA LEU A 86 0.78 4.05 -10.43
C LEU A 86 -0.08 5.03 -11.19
N LEU A 87 -1.04 4.51 -11.96
CA LEU A 87 -1.91 5.33 -12.81
C LEU A 87 -3.36 4.95 -12.56
N ILE A 88 -4.20 5.98 -12.51
CA ILE A 88 -5.66 5.85 -12.35
C ILE A 88 -6.30 6.44 -13.59
N PHE A 89 -7.24 5.69 -14.18
CA PHE A 89 -7.85 6.06 -15.46
C PHE A 89 -9.30 6.50 -15.26
N PRO A 90 -9.72 7.57 -15.96
CA PRO A 90 -11.11 8.03 -15.83
C PRO A 90 -12.14 7.01 -16.31
N THR A 91 -12.03 6.59 -17.58
CA THR A 91 -12.95 5.64 -18.17
C THR A 91 -12.15 4.55 -18.87
N LEU A 92 -12.89 3.62 -19.49
CA LEU A 92 -12.25 2.53 -20.24
C LEU A 92 -11.69 3.01 -21.57
N SER A 93 -12.28 4.06 -22.14
CA SER A 93 -11.76 4.64 -23.38
C SER A 93 -10.35 5.21 -23.17
N GLN A 94 -10.12 5.85 -22.02
CA GLN A 94 -8.79 6.32 -21.70
C GLN A 94 -7.81 5.15 -21.58
N VAL A 95 -8.25 4.04 -21.00
CA VAL A 95 -7.40 2.85 -20.90
C VAL A 95 -7.02 2.37 -22.30
N ARG A 96 -8.01 2.23 -23.18
CA ARG A 96 -7.72 1.74 -24.53
C ARG A 96 -6.80 2.68 -25.28
N GLU A 97 -7.01 4.00 -25.13
CA GLU A 97 -6.17 4.97 -25.84
C GLU A 97 -4.73 4.94 -25.32
N PHE A 98 -4.56 4.90 -23.98
CA PHE A 98 -3.23 4.83 -23.41
C PHE A 98 -2.53 3.54 -23.82
N ARG A 99 -3.27 2.44 -23.88
CA ARG A 99 -2.68 1.17 -24.29
C ARG A 99 -2.22 1.22 -25.74
N GLU A 100 -3.11 1.62 -26.66
CA GLU A 100 -2.75 1.71 -28.06
C GLU A 100 -1.66 2.74 -28.31
N LYS A 101 -1.49 3.72 -27.41
CA LYS A 101 -0.49 4.75 -27.59
C LYS A 101 0.91 4.30 -27.20
N VAL A 102 1.03 3.27 -26.36
CA VAL A 102 2.32 2.82 -25.85
C VAL A 102 2.70 1.43 -26.33
N LYS A 103 1.92 0.86 -27.26
CA LYS A 103 2.27 -0.45 -27.81
C LYS A 103 3.62 -0.41 -28.51
N ILE A 104 3.94 0.72 -29.15
CA ILE A 104 5.21 0.83 -29.85
C ILE A 104 6.40 1.00 -28.91
N TYR A 105 6.15 1.33 -27.64
CA TYR A 105 7.21 1.51 -26.66
C TYR A 105 7.32 0.35 -25.68
N SER A 106 6.59 -0.75 -25.91
CA SER A 106 6.60 -1.88 -25.01
C SER A 106 6.60 -3.17 -25.81
N THR A 107 6.92 -4.26 -25.12
CA THR A 107 6.92 -5.60 -25.72
C THR A 107 6.08 -6.62 -24.96
N ASN A 108 5.77 -6.38 -23.68
CA ASN A 108 4.99 -7.31 -22.87
C ASN A 108 3.71 -6.69 -22.36
N ILE A 109 3.23 -5.62 -23.00
CA ILE A 109 2.00 -4.97 -22.56
C ILE A 109 0.80 -5.89 -22.77
N GLU A 110 0.78 -6.62 -23.88
CA GLU A 110 -0.29 -7.55 -24.18
C GLU A 110 -0.09 -8.92 -23.53
N SER A 111 0.98 -9.09 -22.75
CA SER A 111 1.29 -10.38 -22.13
C SER A 111 1.25 -10.31 -20.61
N GLU A 112 2.04 -9.44 -19.99
CA GLU A 112 2.11 -9.33 -18.55
C GLU A 112 1.22 -8.20 -18.05
N GLY A 113 0.77 -8.32 -16.80
CA GLY A 113 -0.06 -7.28 -16.21
C GLY A 113 0.72 -6.02 -15.87
N ARG A 114 2.00 -6.16 -15.54
CA ARG A 114 2.86 -5.03 -15.23
C ARG A 114 3.81 -4.81 -16.41
N PRO A 115 3.46 -3.93 -17.34
CA PRO A 115 4.26 -3.79 -18.56
C PRO A 115 5.50 -2.96 -18.34
N ASN A 116 6.50 -3.22 -19.18
CA ASN A 116 7.74 -2.44 -19.20
C ASN A 116 7.63 -1.45 -20.36
N LEU A 117 7.59 -0.17 -20.02
CA LEU A 117 7.49 0.89 -21.00
C LEU A 117 8.84 1.54 -21.20
N ASN A 118 9.28 1.62 -22.46
CA ASN A 118 10.56 2.25 -22.80
C ASN A 118 10.39 3.76 -22.99
N LEU A 119 9.92 4.40 -21.91
CA LEU A 119 9.65 5.83 -21.91
C LEU A 119 10.26 6.46 -20.67
N THR A 120 10.38 7.78 -20.71
CA THR A 120 10.92 8.54 -19.59
C THR A 120 9.79 8.92 -18.63
N ALA A 121 10.16 9.11 -17.36
CA ALA A 121 9.17 9.52 -16.36
C ALA A 121 8.48 10.81 -16.76
N GLU A 122 9.24 11.77 -17.27
CA GLU A 122 8.63 13.00 -17.79
C GLU A 122 7.68 12.69 -18.94
N GLU A 123 8.09 11.80 -19.84
CA GLU A 123 7.24 11.45 -20.98
C GLU A 123 5.98 10.73 -20.52
N ILE A 124 6.11 9.81 -19.58
CA ILE A 124 4.94 9.08 -19.07
C ILE A 124 3.98 10.03 -18.37
N ALA A 125 4.51 10.95 -17.55
CA ALA A 125 3.65 11.91 -16.86
C ALA A 125 2.97 12.85 -17.84
N GLU A 126 3.67 13.27 -18.90
CA GLU A 126 3.07 14.15 -19.89
C GLU A 126 1.96 13.43 -20.65
N MET A 127 2.20 12.18 -21.06
CA MET A 127 1.16 11.41 -21.74
C MET A 127 -0.03 11.15 -20.82
N ALA A 128 0.22 11.01 -19.52
CA ALA A 128 -0.89 10.80 -18.58
C ALA A 128 -1.71 12.07 -18.42
N ASN A 129 -1.06 13.20 -18.21
CA ASN A 129 -1.77 14.47 -18.10
C ASN A 129 -2.47 14.85 -19.39
N GLU A 130 -2.00 14.35 -20.53
CA GLU A 130 -2.67 14.63 -21.80
C GLU A 130 -4.07 14.03 -21.83
N LEU A 131 -4.24 12.85 -21.23
CA LEU A 131 -5.52 12.15 -21.20
C LEU A 131 -6.20 12.21 -19.84
N ASP A 132 -5.82 13.18 -19.00
CA ASP A 132 -6.38 13.33 -17.65
C ASP A 132 -6.20 12.08 -16.80
N ILE A 133 -5.13 11.34 -17.05
CA ILE A 133 -4.81 10.15 -16.27
C ILE A 133 -4.05 10.58 -15.02
N LEU A 134 -4.51 10.12 -13.86
CA LEU A 134 -3.84 10.45 -12.61
C LEU A 134 -2.60 9.57 -12.48
N ILE A 135 -1.47 10.19 -12.13
CA ILE A 135 -0.19 9.48 -12.07
C ILE A 135 0.52 9.81 -10.77
N GLY A 136 1.19 8.81 -10.20
CA GLY A 136 1.98 9.00 -9.01
C GLY A 136 3.14 8.02 -8.92
N PRO A 137 4.20 8.41 -8.21
CA PRO A 137 5.31 7.47 -7.99
C PRO A 137 4.96 6.42 -6.94
N ALA A 138 4.64 5.21 -7.39
CA ALA A 138 4.21 4.17 -6.48
C ALA A 138 5.38 3.64 -5.66
N HIS A 139 5.15 3.49 -4.35
CA HIS A 139 6.18 3.06 -3.38
C HIS A 139 7.53 3.70 -3.67
N ALA A 140 7.52 5.03 -3.78
CA ALA A 140 8.64 5.86 -4.21
C ALA A 140 9.84 5.86 -3.26
N PHE A 141 9.94 4.96 -2.28
CA PHE A 141 11.08 4.93 -1.37
C PHE A 141 11.82 3.58 -1.40
N THR A 142 11.41 2.67 -2.27
CA THR A 142 12.05 1.36 -2.33
C THR A 142 13.45 1.50 -2.93
N PRO A 143 14.48 0.90 -2.33
CA PRO A 143 15.83 0.98 -2.91
C PRO A 143 16.02 0.14 -4.16
N TRP A 144 14.97 -0.51 -4.67
CA TRP A 144 15.07 -1.32 -5.88
C TRP A 144 14.41 -0.64 -7.06
N THR A 145 13.07 -0.55 -7.07
CA THR A 145 12.32 0.06 -8.17
C THR A 145 11.42 1.15 -7.59
N SER A 146 11.95 2.37 -7.51
CA SER A 146 11.19 3.50 -7.01
C SER A 146 11.73 4.77 -7.68
N LEU A 147 11.19 5.91 -7.25
CA LEU A 147 11.63 7.18 -7.82
C LEU A 147 12.90 7.68 -7.15
N TYR A 148 12.94 7.67 -5.82
CA TYR A 148 14.07 8.21 -5.09
C TYR A 148 15.27 7.27 -5.04
N LYS A 149 15.16 6.07 -5.60
CA LYS A 149 16.34 5.23 -5.76
C LYS A 149 17.15 5.65 -6.98
N GLU A 150 16.49 6.22 -7.99
CA GLU A 150 17.15 6.66 -9.22
C GLU A 150 17.34 8.18 -9.22
N TYR A 151 16.27 8.94 -9.06
CA TYR A 151 16.34 10.39 -9.02
C TYR A 151 16.44 10.86 -7.57
N ASP A 152 16.78 12.15 -7.41
CA ASP A 152 16.92 12.75 -6.09
C ASP A 152 15.76 13.65 -5.69
N SER A 153 14.88 14.00 -6.63
CA SER A 153 13.72 14.82 -6.32
C SER A 153 12.66 14.59 -7.38
N LEU A 154 11.45 15.10 -7.11
CA LEU A 154 10.34 14.93 -8.04
C LEU A 154 10.53 15.78 -9.29
N LYS A 155 11.12 16.96 -9.15
CA LYS A 155 11.33 17.84 -10.30
C LYS A 155 12.34 17.22 -11.26
N ASP A 156 13.40 16.61 -10.73
CA ASP A 156 14.38 15.96 -11.59
C ASP A 156 13.78 14.74 -12.30
N ALA A 157 12.75 14.13 -11.73
CA ALA A 157 12.16 12.94 -12.34
C ALA A 157 11.12 13.30 -13.39
N TYR A 158 10.24 14.27 -13.09
CA TYR A 158 9.15 14.62 -13.99
C TYR A 158 9.39 15.89 -14.79
N GLY A 159 10.31 16.75 -14.36
CA GLY A 159 10.61 17.94 -15.14
C GLY A 159 9.42 18.88 -15.19
N ASP A 160 9.10 19.34 -16.40
CA ASP A 160 7.98 20.26 -16.59
C ASP A 160 6.63 19.61 -16.34
N ALA A 161 6.56 18.28 -16.29
CA ALA A 161 5.31 17.59 -16.08
C ALA A 161 4.92 17.59 -14.60
N LYS A 162 3.65 17.36 -14.34
CA LYS A 162 3.10 17.36 -13.00
C LYS A 162 2.50 16.00 -12.69
N ILE A 163 2.27 15.75 -11.40
CA ILE A 163 1.63 14.51 -10.96
C ILE A 163 0.41 14.84 -10.13
N ASP A 164 -0.25 13.80 -9.59
CA ASP A 164 -1.49 13.98 -8.85
C ASP A 164 -1.48 13.38 -7.45
N PHE A 165 -0.53 12.49 -7.14
CA PHE A 165 -0.45 11.89 -5.81
C PHE A 165 0.96 11.34 -5.62
N LEU A 166 1.16 10.61 -4.52
CA LEU A 166 2.45 9.99 -4.22
C LEU A 166 2.18 8.87 -3.22
N GLU A 167 2.33 7.63 -3.66
CA GLU A 167 2.10 6.51 -2.77
C GLU A 167 3.22 6.42 -1.74
N LEU A 168 2.84 6.38 -0.47
CA LEU A 168 3.84 6.32 0.60
C LEU A 168 4.48 4.95 0.67
N GLY A 169 3.66 3.90 0.68
CA GLY A 169 4.16 2.54 0.75
C GLY A 169 4.11 1.97 2.15
N LEU A 170 4.66 0.78 2.28
CA LEU A 170 4.64 0.09 3.57
C LEU A 170 5.57 0.78 4.56
N SER A 171 6.85 0.88 4.23
CA SER A 171 7.87 1.34 5.16
C SER A 171 7.83 2.84 5.45
N ALA A 172 6.85 3.57 4.93
CA ALA A 172 6.78 5.01 5.12
C ALA A 172 5.42 5.41 5.68
N ASP A 173 5.39 6.58 6.30
CA ASP A 173 4.16 7.18 6.82
C ASP A 173 4.11 8.65 6.40
N SER A 174 3.08 9.35 6.88
CA SER A 174 2.84 10.72 6.43
C SER A 174 3.91 11.68 6.93
N ASP A 175 4.41 11.47 8.15
CA ASP A 175 5.30 12.46 8.75
C ASP A 175 6.67 12.45 8.07
N MET A 176 7.29 11.28 7.94
CA MET A 176 8.62 11.21 7.34
C MET A 176 8.59 11.67 5.89
N ALA A 177 7.50 11.39 5.18
CA ALA A 177 7.37 11.90 3.82
C ALA A 177 7.16 13.41 3.83
N ASP A 178 6.43 13.94 4.81
CA ASP A 178 6.24 15.37 4.96
C ASP A 178 7.50 16.09 5.44
N MET A 179 8.53 15.36 5.85
CA MET A 179 9.82 15.99 6.12
C MET A 179 10.44 16.63 4.89
N ILE A 180 9.82 16.49 3.72
CA ILE A 180 10.24 17.17 2.49
C ILE A 180 9.24 18.28 2.21
N LYS A 181 9.76 19.46 1.86
CA LYS A 181 8.88 20.62 1.69
C LYS A 181 8.03 20.50 0.44
N ALA A 182 8.61 20.05 -0.68
CA ALA A 182 7.86 19.91 -1.91
C ALA A 182 6.68 18.96 -1.74
N HIS A 183 6.88 17.88 -0.98
CA HIS A 183 5.81 16.92 -0.72
C HIS A 183 4.59 17.56 -0.07
N HIS A 184 4.75 18.76 0.51
CA HIS A 184 3.61 19.45 1.09
C HIS A 184 2.55 19.80 0.06
N SER A 185 2.92 19.89 -1.22
CA SER A 185 1.99 20.28 -2.27
C SER A 185 1.29 19.10 -2.94
N ILE A 186 1.56 17.88 -2.49
CA ILE A 186 1.04 16.69 -3.16
C ILE A 186 0.32 15.80 -2.16
N PRO A 187 -0.88 15.32 -2.48
CA PRO A 187 -1.58 14.39 -1.58
C PRO A 187 -0.89 13.04 -1.53
N TYR A 188 -1.11 12.35 -0.41
CA TYR A 188 -0.49 11.05 -0.15
C TYR A 188 -1.49 9.92 -0.36
N LEU A 189 -0.97 8.75 -0.71
CA LEU A 189 -1.75 7.53 -0.83
C LEU A 189 -1.05 6.40 -0.09
N SER A 190 -1.83 5.62 0.64
CA SER A 190 -1.32 4.48 1.41
C SER A 190 -2.01 3.23 0.86
N ASN A 191 -1.37 2.61 -0.13
CA ASN A 191 -1.89 1.42 -0.78
C ASN A 191 -1.05 0.20 -0.35
N SER A 192 -1.31 -0.94 -1.00
CA SER A 192 -0.67 -2.20 -0.62
C SER A 192 0.34 -2.72 -1.62
N ASN A 193 0.11 -2.54 -2.93
CA ASN A 193 0.86 -3.25 -3.97
C ASN A 193 0.93 -4.74 -3.66
N ALA A 194 -0.18 -5.26 -3.15
CA ALA A 194 -0.23 -6.64 -2.67
C ALA A 194 -0.40 -7.62 -3.83
N HIS A 195 0.15 -8.81 -3.64
CA HIS A 195 0.13 -9.85 -4.66
C HIS A 195 -0.73 -11.05 -4.30
N SER A 196 -1.28 -11.09 -3.09
CA SER A 196 -2.06 -12.23 -2.62
C SER A 196 -3.37 -11.74 -2.01
N PRO A 197 -4.43 -12.54 -2.11
CA PRO A 197 -5.71 -12.15 -1.49
C PRO A 197 -5.78 -12.52 -0.02
N ASN A 198 -4.63 -12.71 0.62
CA ASN A 198 -4.59 -13.08 2.02
C ASN A 198 -5.02 -11.90 2.90
N PRO A 199 -5.44 -12.16 4.14
CA PRO A 199 -5.87 -11.05 5.01
C PRO A 199 -4.76 -10.05 5.31
N HIS A 200 -3.56 -10.53 5.61
CA HIS A 200 -2.43 -9.64 5.88
C HIS A 200 -1.80 -9.06 4.62
N ARG A 201 -2.38 -9.33 3.45
CA ARG A 201 -1.85 -8.83 2.19
C ARG A 201 -2.84 -7.90 1.51
N LEU A 202 -3.99 -8.40 1.08
CA LEU A 202 -4.99 -7.57 0.41
C LEU A 202 -5.52 -6.54 1.39
N GLY A 203 -5.29 -5.26 1.08
CA GLY A 203 -5.77 -4.20 1.93
C GLY A 203 -5.01 -4.01 3.22
N ARG A 204 -3.72 -4.30 3.23
CA ARG A 204 -2.91 -4.01 4.41
C ARG A 204 -2.87 -2.51 4.68
N GLU A 205 -2.89 -1.69 3.63
CA GLU A 205 -3.04 -0.25 3.75
C GLU A 205 -4.20 0.19 2.86
N PHE A 206 -4.87 1.26 3.28
CA PHE A 206 -5.96 1.82 2.49
C PHE A 206 -6.15 3.28 2.84
N ASN A 207 -7.04 3.93 2.09
CA ASN A 207 -7.37 5.33 2.28
C ASN A 207 -8.88 5.45 2.49
N ARG A 208 -9.28 6.23 3.48
CA ARG A 208 -10.68 6.45 3.82
C ARG A 208 -11.08 7.83 3.30
N PHE A 209 -12.00 7.86 2.34
CA PHE A 209 -12.46 9.07 1.70
C PHE A 209 -13.88 9.40 2.13
N GLU A 210 -14.20 10.68 2.10
CA GLU A 210 -15.56 11.19 2.24
C GLU A 210 -16.04 11.63 0.87
N VAL A 211 -17.11 11.02 0.37
CA VAL A 211 -17.65 11.31 -0.95
C VAL A 211 -19.17 11.31 -0.87
N LYS A 212 -19.80 11.71 -1.98
CA LYS A 212 -21.25 11.68 -2.08
C LYS A 212 -21.74 10.37 -2.67
N ASP A 213 -21.17 9.96 -3.81
CA ASP A 213 -21.44 8.67 -4.42
C ASP A 213 -20.11 7.98 -4.67
N VAL A 214 -20.17 6.78 -5.24
CA VAL A 214 -18.96 6.01 -5.50
C VAL A 214 -18.70 5.91 -7.00
N THR A 215 -17.90 6.83 -7.53
CA THR A 215 -17.52 6.82 -8.93
C THR A 215 -16.12 7.41 -9.05
N PHE A 216 -15.58 7.38 -10.27
CA PHE A 216 -14.23 7.90 -10.48
C PHE A 216 -14.17 9.40 -10.19
N GLU A 217 -15.15 10.16 -10.66
CA GLU A 217 -15.12 11.61 -10.49
C GLU A 217 -15.15 12.00 -9.02
N GLU A 218 -15.91 11.26 -8.21
CA GLU A 218 -15.93 11.54 -6.78
C GLU A 218 -14.57 11.27 -6.14
N ILE A 219 -13.92 10.19 -6.54
CA ILE A 219 -12.58 9.89 -6.01
C ILE A 219 -11.59 10.95 -6.45
N ARG A 220 -11.70 11.42 -7.69
CA ARG A 220 -10.80 12.46 -8.19
C ARG A 220 -11.00 13.75 -7.42
N LYS A 221 -12.25 14.13 -7.17
CA LYS A 221 -12.50 15.35 -6.40
C LYS A 221 -12.08 15.20 -4.95
N ALA A 222 -12.15 13.99 -4.39
CA ALA A 222 -11.66 13.78 -3.03
C ALA A 222 -10.14 13.83 -2.96
N ILE A 223 -9.46 13.35 -4.01
CA ILE A 223 -8.01 13.43 -4.05
C ILE A 223 -7.55 14.88 -4.20
N LYS A 224 -8.16 15.61 -5.15
CA LYS A 224 -7.85 17.02 -5.30
C LYS A 224 -8.42 17.86 -4.16
N GLY A 225 -9.35 17.34 -3.36
CA GLY A 225 -9.90 18.06 -2.24
C GLY A 225 -10.79 19.21 -2.65
N VAL A 226 -11.85 18.92 -3.41
CA VAL A 226 -12.76 19.94 -3.91
C VAL A 226 -14.19 19.44 -3.79
N GLY A 227 -15.12 20.39 -3.71
CA GLY A 227 -16.54 20.08 -3.70
C GLY A 227 -17.01 19.32 -2.48
N GLY A 228 -16.36 19.48 -1.33
CA GLY A 228 -16.71 18.78 -0.14
C GLY A 228 -16.08 17.40 0.00
N ARG A 229 -15.74 16.77 -1.12
CA ARG A 229 -15.06 15.49 -1.10
C ARG A 229 -13.60 15.70 -0.74
N LYS A 230 -13.04 14.74 0.02
CA LYS A 230 -11.68 14.88 0.51
C LYS A 230 -11.21 13.53 1.04
N ILE A 231 -9.90 13.35 1.03
CA ILE A 231 -9.27 12.19 1.66
C ILE A 231 -9.15 12.49 3.15
N MET A 232 -9.93 11.80 3.97
CA MET A 232 -9.97 12.11 5.39
C MET A 232 -9.11 11.19 6.26
N LEU A 233 -8.68 10.05 5.76
CA LEU A 233 -7.83 9.18 6.57
C LEU A 233 -6.91 8.35 5.69
N ASN A 234 -5.71 8.07 6.20
CA ASN A 234 -4.73 7.22 5.54
C ASN A 234 -4.36 6.10 6.52
N ALA A 235 -5.02 4.96 6.41
CA ALA A 235 -4.72 3.83 7.28
C ALA A 235 -3.56 3.06 6.67
N GLY A 236 -2.46 2.93 7.41
CA GLY A 236 -1.27 2.34 6.85
C GLY A 236 -0.58 1.41 7.83
N LEU A 237 0.26 0.55 7.26
CA LEU A 237 1.12 -0.31 8.06
C LEU A 237 2.22 0.53 8.71
N ASP A 238 2.57 0.17 9.93
CA ASP A 238 3.62 0.88 10.66
C ASP A 238 4.91 0.84 9.84
N PRO A 239 5.62 1.97 9.70
CA PRO A 239 6.84 1.97 8.88
C PRO A 239 7.88 0.96 9.33
N ARG A 240 7.95 0.65 10.62
CA ARG A 240 8.94 -0.31 11.10
C ARG A 240 8.66 -1.73 10.62
N LEU A 241 7.44 -2.02 10.21
CA LEU A 241 7.07 -3.37 9.77
C LEU A 241 7.26 -3.58 8.26
N GLY A 242 7.74 -2.57 7.54
CA GLY A 242 7.94 -2.70 6.12
C GLY A 242 9.10 -3.63 5.78
N LYS A 243 9.22 -3.93 4.49
CA LYS A 243 10.28 -4.81 4.01
C LYS A 243 11.61 -4.09 3.82
N TYR A 244 11.60 -2.77 3.71
CA TYR A 244 12.81 -2.01 3.41
C TYR A 244 12.89 -0.75 4.26
N HIS A 245 12.47 -0.84 5.52
CA HIS A 245 12.48 0.33 6.39
C HIS A 245 13.90 0.78 6.70
N LEU A 246 14.69 -0.11 7.31
CA LEU A 246 16.07 0.20 7.67
C LEU A 246 17.03 -0.30 6.60
N THR A 247 18.23 0.29 6.60
CA THR A 247 19.27 -0.11 5.67
C THR A 247 19.83 -1.46 6.09
N ALA A 248 19.49 -2.51 5.34
CA ALA A 248 19.92 -3.87 5.66
C ALA A 248 20.39 -4.56 4.39
N CYS A 249 20.92 -5.77 4.57
CA CYS A 249 21.42 -6.55 3.46
C CYS A 249 20.27 -7.29 2.76
N SER A 250 20.55 -7.73 1.54
CA SER A 250 19.56 -8.43 0.71
C SER A 250 19.71 -9.94 0.75
N ARG A 251 20.68 -10.47 1.49
CA ARG A 251 20.90 -11.91 1.57
C ARG A 251 20.72 -12.43 2.99
N CYS A 252 21.57 -12.03 3.93
CA CYS A 252 21.42 -12.44 5.32
C CYS A 252 20.47 -11.54 6.11
N TYR A 253 20.02 -10.44 5.51
CA TYR A 253 19.05 -9.53 6.13
C TYR A 253 19.54 -8.99 7.46
N THR A 254 20.78 -8.50 7.47
CA THR A 254 21.39 -7.91 8.66
C THR A 254 21.30 -6.40 8.57
N LYS A 255 20.78 -5.77 9.62
CA LYS A 255 20.63 -4.32 9.64
C LYS A 255 21.98 -3.66 9.90
N TYR A 256 22.26 -2.60 9.15
CA TYR A 256 23.47 -1.82 9.31
C TYR A 256 23.11 -0.34 9.32
N THR A 257 23.94 0.45 9.99
CA THR A 257 23.77 1.90 9.99
C THR A 257 24.23 2.49 8.65
N LEU A 258 23.80 3.72 8.39
CA LEU A 258 24.21 4.40 7.17
C LEU A 258 25.71 4.68 7.18
N GLN A 259 26.26 5.01 8.35
CA GLN A 259 27.69 5.28 8.44
C GLN A 259 28.50 4.03 8.14
N ASP A 260 28.14 2.91 8.75
CA ASP A 260 28.83 1.65 8.46
C ASP A 260 28.62 1.23 7.02
N ALA A 261 27.44 1.51 6.44
CA ALA A 261 27.20 1.18 5.04
C ALA A 261 28.15 1.95 4.13
N VAL A 262 28.28 3.26 4.36
CA VAL A 262 29.19 4.06 3.54
C VAL A 262 30.64 3.63 3.77
N SER A 263 30.97 3.24 5.01
CA SER A 263 32.34 2.80 5.30
C SER A 263 32.67 1.50 4.57
N LEU A 264 31.75 0.55 4.57
CA LEU A 264 31.96 -0.72 3.87
C LEU A 264 31.61 -0.64 2.39
N SER A 265 31.20 0.53 1.90
CA SER A 265 30.90 0.73 0.48
C SER A 265 29.77 -0.19 0.01
N TRP A 266 28.79 -0.42 0.90
CA TRP A 266 27.61 -1.21 0.59
C TRP A 266 27.97 -2.66 0.26
N LYS A 267 28.87 -3.24 1.05
CA LYS A 267 29.29 -4.63 0.88
C LYS A 267 29.12 -5.34 2.21
N CYS A 268 28.25 -6.34 2.22
CA CYS A 268 27.98 -7.10 3.45
C CYS A 268 29.22 -7.90 3.84
N PRO A 269 29.77 -7.70 5.04
CA PRO A 269 31.02 -8.41 5.41
C PRO A 269 30.81 -9.90 5.64
N LYS A 270 30.01 -10.26 6.64
CA LYS A 270 29.77 -11.66 6.98
C LYS A 270 28.67 -12.31 6.14
N CYS A 271 28.60 -11.96 4.86
CA CYS A 271 27.55 -12.48 3.98
C CYS A 271 27.97 -12.41 2.52
N GLY A 272 28.64 -11.32 2.14
CA GLY A 272 29.04 -11.13 0.76
C GLY A 272 27.93 -10.67 -0.16
N GLY A 273 27.03 -9.83 0.34
CA GLY A 273 25.93 -9.34 -0.47
C GLY A 273 25.94 -7.83 -0.63
N ILE A 274 24.86 -7.29 -1.21
CA ILE A 274 24.73 -5.86 -1.43
C ILE A 274 23.64 -5.34 -0.48
N ILE A 275 24.07 -4.58 0.53
CA ILE A 275 23.13 -4.00 1.48
C ILE A 275 22.44 -2.81 0.83
N LYS A 276 21.12 -2.79 0.89
CA LYS A 276 20.31 -1.74 0.27
C LYS A 276 19.88 -0.71 1.30
N LYS A 277 19.77 0.53 0.85
CA LYS A 277 19.47 1.65 1.73
C LYS A 277 17.99 1.68 2.08
N GLY A 278 17.68 1.70 3.37
CA GLY A 278 16.31 1.74 3.81
C GLY A 278 15.65 3.08 3.55
N VAL A 279 14.32 3.09 3.71
CA VAL A 279 13.57 4.31 3.41
C VAL A 279 13.82 5.38 4.47
N ARG A 280 14.08 4.97 5.72
CA ARG A 280 14.36 5.95 6.76
C ARG A 280 15.64 6.72 6.46
N ASP A 281 16.70 6.00 6.09
CA ASP A 281 17.97 6.67 5.79
C ASP A 281 17.88 7.49 4.51
N ARG A 282 17.11 7.02 3.53
CA ARG A 282 16.91 7.80 2.31
C ARG A 282 16.16 9.10 2.60
N ILE A 283 15.13 9.03 3.45
CA ILE A 283 14.38 10.22 3.80
C ILE A 283 15.26 11.19 4.60
N LEU A 284 16.08 10.66 5.51
CA LEU A 284 17.01 11.52 6.23
C LEU A 284 18.05 12.14 5.30
N GLU A 285 18.44 11.42 4.25
CA GLU A 285 19.33 12.00 3.23
C GLU A 285 18.65 13.17 2.53
N LEU A 286 17.42 12.95 2.05
CA LEU A 286 16.66 13.99 1.37
C LEU A 286 15.81 14.82 2.32
N ALA A 287 16.27 15.02 3.55
CA ALA A 287 15.53 15.84 4.49
C ALA A 287 15.56 17.31 4.06
N ASP A 288 14.38 17.93 3.99
CA ASP A 288 14.26 19.31 3.55
C ASP A 288 13.87 20.25 4.68
N THR A 289 12.68 20.07 5.26
CA THR A 289 12.20 20.92 6.33
C THR A 289 11.63 20.07 7.46
N SER A 290 11.60 20.65 8.66
CA SER A 290 11.03 20.00 9.83
C SER A 290 9.57 20.34 10.03
N GLU A 291 8.93 20.95 9.04
CA GLU A 291 7.53 21.37 9.14
C GLU A 291 6.66 20.48 8.25
N LYS A 292 5.36 20.59 8.44
CA LYS A 292 4.39 19.79 7.69
C LYS A 292 3.06 20.53 7.70
N PRO A 293 2.24 20.37 6.66
CA PRO A 293 1.00 21.15 6.57
C PRO A 293 -0.06 20.65 7.53
N LYS A 294 -1.01 21.55 7.84
CA LYS A 294 -2.09 21.22 8.76
C LYS A 294 -3.17 20.38 8.09
N ASP A 295 -3.46 20.65 6.81
CA ASP A 295 -4.48 19.90 6.10
C ASP A 295 -4.09 18.45 5.81
N ARG A 296 -2.92 18.03 6.26
CA ARG A 296 -2.50 16.64 6.07
C ARG A 296 -3.36 15.73 6.92
N PRO A 297 -4.07 14.77 6.33
CA PRO A 297 -4.91 13.87 7.12
C PRO A 297 -4.07 12.96 8.00
N PRO A 298 -4.62 12.47 9.10
CA PRO A 298 -3.84 11.62 10.00
C PRO A 298 -3.51 10.27 9.36
N TYR A 299 -2.52 9.61 9.95
CA TYR A 299 -2.02 8.31 9.47
C TYR A 299 -1.98 7.38 10.69
N VAL A 300 -3.06 6.64 10.91
CA VAL A 300 -3.15 5.74 12.05
C VAL A 300 -2.34 4.49 11.74
N ARG A 301 -1.21 4.33 12.42
CA ARG A 301 -0.37 3.15 12.23
C ARG A 301 -1.09 1.93 12.77
N LEU A 302 -1.36 0.97 11.88
CA LEU A 302 -2.03 -0.27 12.25
C LEU A 302 -1.16 -1.47 11.84
N ALA A 303 -1.30 -2.54 12.61
CA ALA A 303 -0.65 -3.80 12.28
C ALA A 303 -1.68 -4.80 11.75
N PRO A 304 -1.30 -5.68 10.82
CA PRO A 304 -2.26 -6.64 10.29
C PRO A 304 -2.82 -7.52 11.40
N LEU A 305 -4.15 -7.53 11.51
CA LEU A 305 -4.80 -8.32 12.56
C LEU A 305 -4.46 -9.80 12.44
N ALA A 306 -4.25 -10.28 11.22
CA ALA A 306 -3.85 -11.67 11.03
C ALA A 306 -2.52 -11.97 11.70
N GLU A 307 -1.55 -11.06 11.55
CA GLU A 307 -0.25 -11.27 12.20
C GLU A 307 -0.37 -11.15 13.72
N ILE A 308 -1.25 -10.28 14.21
CA ILE A 308 -1.49 -10.20 15.66
C ILE A 308 -2.02 -11.52 16.19
N ILE A 309 -3.01 -12.09 15.50
CA ILE A 309 -3.58 -13.37 15.93
C ILE A 309 -2.53 -14.47 15.83
N ALA A 310 -1.69 -14.42 14.79
CA ALA A 310 -0.66 -15.45 14.63
C ALA A 310 0.38 -15.37 15.74
N MET A 311 0.75 -14.16 16.15
CA MET A 311 1.72 -14.02 17.24
C MET A 311 1.11 -14.29 18.61
N VAL A 312 -0.20 -14.13 18.76
CA VAL A 312 -0.84 -14.43 20.04
C VAL A 312 -1.03 -15.94 20.20
N LEU A 313 -1.55 -16.60 19.17
CA LEU A 313 -1.79 -18.05 19.24
C LEU A 313 -0.51 -18.87 19.20
N GLY A 314 0.63 -18.26 18.91
CA GLY A 314 1.87 -19.01 18.80
C GLY A 314 1.93 -19.95 17.61
N LYS A 315 1.19 -19.64 16.55
CA LYS A 315 1.16 -20.45 15.35
C LYS A 315 1.48 -19.59 14.14
N GLY A 316 1.54 -20.23 12.97
CA GLY A 316 1.94 -19.54 11.76
C GLY A 316 0.88 -18.57 11.25
N ILE A 317 1.26 -17.84 10.21
CA ILE A 317 0.36 -16.83 9.64
C ILE A 317 -0.70 -17.47 8.75
N GLU A 318 -0.41 -18.64 8.18
CA GLU A 318 -1.31 -19.32 7.27
C GLU A 318 -1.93 -20.58 7.89
N SER A 319 -1.88 -20.72 9.20
CA SER A 319 -2.44 -21.90 9.84
C SER A 319 -3.96 -21.81 9.90
N LYS A 320 -4.58 -22.92 10.30
CA LYS A 320 -6.04 -22.99 10.32
C LYS A 320 -6.64 -22.34 11.55
N ALA A 321 -5.95 -22.42 12.70
CA ALA A 321 -6.50 -21.83 13.92
C ALA A 321 -6.55 -20.31 13.83
N VAL A 322 -5.50 -19.69 13.29
CA VAL A 322 -5.50 -18.24 13.13
C VAL A 322 -6.55 -17.81 12.12
N LYS A 323 -6.76 -18.60 11.06
CA LYS A 323 -7.83 -18.31 10.10
C LYS A 323 -9.19 -18.38 10.77
N LEU A 324 -9.41 -19.40 11.60
CA LEU A 324 -10.69 -19.53 12.30
C LEU A 324 -10.93 -18.35 13.23
N LEU A 325 -9.91 -17.96 13.99
CA LEU A 325 -10.06 -16.83 14.90
C LEU A 325 -10.31 -15.53 14.15
N TRP A 326 -9.59 -15.32 13.03
CA TRP A 326 -9.78 -14.11 12.25
C TRP A 326 -11.17 -14.06 11.64
N ASN A 327 -11.67 -15.19 11.15
CA ASN A 327 -13.01 -15.23 10.57
C ASN A 327 -14.08 -14.99 11.63
N ARG A 328 -13.90 -15.56 12.83
CA ARG A 328 -14.88 -15.33 13.90
C ARG A 328 -14.86 -13.87 14.33
N PHE A 329 -13.68 -13.24 14.38
CA PHE A 329 -13.60 -11.82 14.71
C PHE A 329 -14.29 -10.97 13.65
N LEU A 330 -14.05 -11.27 12.37
CA LEU A 330 -14.69 -10.49 11.31
C LEU A 330 -16.19 -10.71 11.26
N ARG A 331 -16.66 -11.90 11.67
CA ARG A 331 -18.10 -12.13 11.74
C ARG A 331 -18.73 -11.38 12.89
N GLU A 332 -18.13 -11.46 14.07
CA GLU A 332 -18.72 -10.81 15.25
C GLU A 332 -18.71 -9.30 15.12
N PHE A 333 -17.68 -8.75 14.48
CA PHE A 333 -17.55 -7.31 14.35
C PHE A 333 -17.60 -6.87 12.90
N GLY A 334 -16.92 -5.77 12.59
CA GLY A 334 -16.96 -5.11 11.30
C GLY A 334 -15.74 -5.46 10.48
N SER A 335 -14.71 -4.60 10.52
CA SER A 335 -13.52 -4.75 9.70
C SER A 335 -12.29 -4.85 10.60
N GLU A 336 -11.12 -4.96 9.96
CA GLU A 336 -9.86 -5.05 10.71
C GLU A 336 -9.59 -3.78 11.49
N ILE A 337 -9.70 -2.62 10.83
CA ILE A 337 -9.35 -1.35 11.46
C ILE A 337 -10.21 -1.11 12.70
N ARG A 338 -11.48 -1.53 12.66
CA ARG A 338 -12.35 -1.37 13.81
C ARG A 338 -11.78 -2.05 15.04
N VAL A 339 -11.34 -3.31 14.89
CA VAL A 339 -10.79 -4.04 16.02
C VAL A 339 -9.40 -3.54 16.38
N LEU A 340 -8.65 -3.02 15.41
CA LEU A 340 -7.27 -2.61 15.65
C LEU A 340 -7.18 -1.27 16.37
N ILE A 341 -8.09 -0.35 16.09
CA ILE A 341 -8.00 1.00 16.65
C ILE A 341 -9.28 1.40 17.36
N ASP A 342 -10.43 1.22 16.70
CA ASP A 342 -11.67 1.81 17.19
C ASP A 342 -12.32 1.01 18.31
N LEU A 343 -12.38 -0.31 18.17
CA LEU A 343 -13.15 -1.12 19.09
C LEU A 343 -12.49 -1.14 20.48
N PRO A 344 -13.27 -0.97 21.55
CA PRO A 344 -12.68 -1.05 22.89
C PRO A 344 -12.24 -2.47 23.21
N ILE A 345 -11.29 -2.56 24.15
CA ILE A 345 -10.66 -3.84 24.45
C ILE A 345 -11.61 -4.77 25.21
N GLU A 346 -12.51 -4.22 26.04
CA GLU A 346 -13.46 -5.06 26.74
C GLU A 346 -14.41 -5.77 25.78
N SER A 347 -14.71 -5.14 24.63
CA SER A 347 -15.52 -5.79 23.62
C SER A 347 -14.73 -6.88 22.90
N ILE A 348 -13.44 -6.64 22.66
CA ILE A 348 -12.60 -7.64 22.03
C ILE A 348 -12.44 -8.85 22.94
N ALA A 349 -12.46 -8.64 24.26
CA ALA A 349 -12.30 -9.75 25.20
C ALA A 349 -13.48 -10.72 25.16
N SER A 350 -14.60 -10.32 24.55
CA SER A 350 -15.74 -11.23 24.46
C SER A 350 -15.45 -12.40 23.52
N VAL A 351 -14.60 -12.20 22.53
CA VAL A 351 -14.21 -13.25 21.59
C VAL A 351 -12.92 -13.94 22.01
N HIS A 352 -11.87 -13.16 22.26
CA HIS A 352 -10.61 -13.70 22.77
C HIS A 352 -9.96 -12.67 23.67
N GLU A 353 -9.36 -13.16 24.76
CA GLU A 353 -8.76 -12.28 25.77
C GLU A 353 -7.33 -11.89 25.42
N GLY A 354 -6.51 -12.87 25.00
CA GLY A 354 -5.13 -12.57 24.67
C GLY A 354 -5.01 -11.63 23.48
N VAL A 355 -5.87 -11.79 22.48
CA VAL A 355 -5.86 -10.89 21.34
C VAL A 355 -6.25 -9.48 21.77
N ALA A 356 -7.24 -9.38 22.67
CA ALA A 356 -7.62 -8.07 23.19
C ALA A 356 -6.45 -7.41 23.93
N LYS A 357 -5.73 -8.19 24.74
CA LYS A 357 -4.59 -7.63 25.46
C LYS A 357 -3.48 -7.21 24.51
N ALA A 358 -3.26 -7.99 23.44
CA ALA A 358 -2.25 -7.61 22.46
C ALA A 358 -2.63 -6.34 21.72
N ILE A 359 -3.92 -6.20 21.38
CA ILE A 359 -4.36 -4.98 20.70
C ILE A 359 -4.27 -3.79 21.63
N TRP A 360 -4.52 -4.00 22.93
CA TRP A 360 -4.31 -2.94 23.91
C TRP A 360 -2.84 -2.52 23.95
N ALA A 361 -1.95 -3.51 24.00
CA ALA A 361 -0.51 -3.20 24.00
C ALA A 361 -0.09 -2.49 22.73
N TYR A 362 -0.72 -2.80 21.60
CA TYR A 362 -0.39 -2.12 20.36
C TYR A 362 -0.89 -0.68 20.36
N ARG A 363 -2.11 -0.45 20.84
CA ARG A 363 -2.61 0.91 20.94
C ARG A 363 -1.77 1.74 21.90
N ASN A 364 -1.33 1.14 23.00
CA ASN A 364 -0.51 1.83 23.98
C ASN A 364 0.98 1.84 23.63
N ASN A 365 1.34 1.31 22.46
CA ASN A 365 2.70 1.35 21.92
C ASN A 365 3.73 0.60 22.77
N LYS A 366 3.27 -0.21 23.73
CA LYS A 366 4.18 -1.03 24.53
C LYS A 366 4.50 -2.36 23.88
N LEU A 367 4.14 -2.54 22.61
CA LEU A 367 4.43 -3.77 21.89
C LEU A 367 5.85 -3.69 21.32
N ILE A 368 6.64 -4.74 21.56
CA ILE A 368 8.02 -4.74 21.10
C ILE A 368 8.06 -4.93 19.59
N ILE A 369 8.80 -4.06 18.90
CA ILE A 369 8.90 -4.08 17.45
C ILE A 369 10.36 -4.09 17.06
N VAL A 370 10.75 -5.03 16.20
CA VAL A 370 12.07 -5.06 15.59
C VAL A 370 11.91 -4.75 14.11
N PRO A 371 12.53 -3.69 13.60
CA PRO A 371 12.27 -3.26 12.23
C PRO A 371 12.86 -4.24 11.21
N GLY A 372 12.41 -4.10 9.97
CA GLY A 372 12.89 -4.92 8.88
C GLY A 372 13.54 -4.10 7.78
N GLY A 373 14.31 -4.75 6.92
CA GLY A 373 14.98 -4.08 5.82
C GLY A 373 15.64 -5.04 4.86
N GLY A 374 15.82 -4.61 3.61
CA GLY A 374 16.45 -5.44 2.61
C GLY A 374 15.59 -6.53 2.02
N GLY A 375 14.31 -6.61 2.40
CA GLY A 375 13.43 -7.63 1.87
C GLY A 375 12.83 -8.52 2.93
N LYS A 376 13.06 -8.16 4.20
CA LYS A 376 12.55 -8.92 5.34
C LYS A 376 11.57 -8.04 6.10
N TYR A 377 10.39 -8.58 6.36
CA TYR A 377 9.37 -7.83 7.08
C TYR A 377 9.79 -7.61 8.53
N GLY A 378 9.32 -6.51 9.11
CA GLY A 378 9.52 -6.29 10.53
C GLY A 378 8.73 -7.27 11.38
N GLU A 379 9.19 -7.46 12.61
CA GLU A 379 8.61 -8.45 13.50
C GLU A 379 8.09 -7.79 14.77
N ILE A 380 7.05 -8.38 15.33
CA ILE A 380 6.40 -7.89 16.54
C ILE A 380 6.40 -9.00 17.60
N ARG A 381 6.60 -8.60 18.85
CA ARG A 381 6.61 -9.52 19.98
C ARG A 381 6.03 -8.82 21.19
N ILE A 382 5.21 -9.53 21.94
CA ILE A 382 4.55 -8.99 23.13
C ILE A 382 5.34 -9.40 24.38
N PRO A 383 5.54 -8.51 25.34
CA PRO A 383 6.25 -8.91 26.56
C PRO A 383 5.46 -9.95 27.36
N GLU A 384 6.18 -10.61 28.27
CA GLU A 384 5.57 -11.66 29.08
C GLU A 384 4.64 -11.09 30.15
N GLU A 385 4.99 -9.92 30.71
CA GLU A 385 4.15 -9.33 31.75
C GLU A 385 2.82 -8.85 31.19
N ILE A 386 2.78 -8.47 29.91
CA ILE A 386 1.50 -8.09 29.31
C ILE A 386 0.61 -9.33 29.13
N LEU A 387 1.22 -10.49 28.93
CA LEU A 387 0.44 -11.72 28.76
C LEU A 387 -0.04 -12.27 30.10
N LYS A 388 0.85 -12.35 31.08
CA LYS A 388 0.51 -12.96 32.37
C LYS A 388 -0.35 -12.06 33.25
N ALA A 389 -0.66 -10.85 32.82
CA ALA A 389 -1.49 -9.93 33.58
C ALA A 389 -2.95 -10.02 33.12
N LYS A 390 -3.82 -9.30 33.80
CA LYS A 390 -5.24 -9.23 33.47
C LYS A 390 -5.50 -8.00 32.61
N ILE A 391 -6.77 -7.60 32.52
CA ILE A 391 -7.16 -6.45 31.69
C ILE A 391 -7.41 -5.25 32.59
N GLU A 392 -7.83 -5.51 33.83
CA GLU A 392 -8.16 -4.43 34.75
C GLU A 392 -6.92 -3.67 35.17
N ASP A 393 -5.91 -4.37 35.69
CA ASP A 393 -4.67 -3.76 36.11
C ASP A 393 -3.77 -3.35 34.95
N LEU A 394 -4.21 -3.59 33.71
CA LEU A 394 -3.37 -3.27 32.55
C LEU A 394 -3.20 -1.76 32.41
N ASN A 395 -4.28 -1.01 32.51
CA ASN A 395 -4.22 0.45 32.40
C ASN A 395 -4.41 1.11 33.76
#